data_2HLY
#
_entry.id   2HLY
#
_cell.length_a   44.555
_cell.length_b   50.391
_cell.length_c   81.369
_cell.angle_alpha   90.00
_cell.angle_beta   90.00
_cell.angle_gamma   90.00
#
_symmetry.space_group_name_H-M   'P 21 21 21'
#
loop_
_entity.id
_entity.type
_entity.pdbx_description
1 polymer 'Hypothetical protein Atu2299'
2 water water
#
_entity_poly.entity_id   1
_entity_poly.type   'polypeptide(L)'
_entity_poly.pdbx_seq_one_letter_code
;GYFEGMLIKQTDYFRIYRVINSLLISQNADPASASMYFSTFGAFILQQHYKVKAVPKGGLAAYNLGGTVLLFADHREDGY
VTGAGENFHCWVEADGWAIDFMAPAFSEGTDALAVPAKMFQRPLSAMAASINDLGQSGDFFYRSEPEATARRFADWHKQA
MIGDMASVAANWFRKSPKQMAASLSVTDRDGKARTVPLTGEMLTGAW
;
_entity_poly.pdbx_strand_id   A
#
# COMPACT_ATOMS: atom_id res chain seq x y z
N GLY A 1 -18.68 15.15 10.02
CA GLY A 1 -19.82 14.30 9.57
C GLY A 1 -20.64 14.86 8.43
N TYR A 2 -20.17 15.97 7.84
CA TYR A 2 -20.99 16.67 6.83
C TYR A 2 -20.35 16.78 5.44
N PHE A 3 -19.12 16.28 5.31
CA PHE A 3 -18.44 16.20 4.02
C PHE A 3 -17.44 15.06 4.08
N GLU A 4 -16.91 14.66 2.92
CA GLU A 4 -15.77 13.75 2.87
C GLU A 4 -14.53 14.61 2.78
N GLY A 5 -13.77 14.69 3.87
CA GLY A 5 -12.55 15.50 3.87
C GLY A 5 -11.31 14.73 3.45
N MET A 6 -11.27 13.43 3.71
CA MET A 6 -10.12 12.65 3.30
C MET A 6 -10.13 12.43 1.77
N LEU A 7 -8.98 12.08 1.21
CA LEU A 7 -8.93 11.84 -0.23
C LEU A 7 -9.83 10.68 -0.63
N ILE A 8 -9.77 9.61 0.16
CA ILE A 8 -10.63 8.45 -0.08
C ILE A 8 -11.33 8.03 1.19
N LYS A 9 -12.61 7.68 1.05
CA LYS A 9 -13.37 7.18 2.18
C LYS A 9 -12.70 5.91 2.74
N GLN A 10 -12.81 5.72 4.06
CA GLN A 10 -12.22 4.54 4.71
C GLN A 10 -12.67 3.24 4.01
N THR A 11 -13.97 3.15 3.74
CA THR A 11 -14.48 1.92 3.17
C THR A 11 -13.86 1.65 1.79
N ASP A 12 -13.60 2.72 1.04
CA ASP A 12 -13.02 2.59 -0.31
C ASP A 12 -11.51 2.29 -0.23
N TYR A 13 -10.86 2.84 0.76
CA TYR A 13 -9.48 2.46 1.04
C TYR A 13 -9.40 0.96 1.26
N PHE A 14 -10.30 0.40 2.07
CA PHE A 14 -10.30 -1.03 2.29
C PHE A 14 -10.62 -1.82 1.01
N ARG A 15 -11.53 -1.32 0.18
CA ARG A 15 -11.79 -1.96 -1.13
C ARG A 15 -10.50 -2.06 -1.94
N ILE A 16 -9.72 -0.99 -1.93
CA ILE A 16 -8.46 -0.95 -2.70
C ILE A 16 -7.46 -1.96 -2.15
N TYR A 17 -7.29 -1.95 -0.84
CA TYR A 17 -6.43 -2.94 -0.21
C TYR A 17 -6.89 -4.35 -0.59
N ARG A 18 -8.20 -4.61 -0.47
CA ARG A 18 -8.72 -5.96 -0.73
C ARG A 18 -8.45 -6.41 -2.17
N VAL A 19 -8.67 -5.50 -3.13
CA VAL A 19 -8.42 -5.80 -4.55
C VAL A 19 -6.96 -6.17 -4.78
N ILE A 20 -6.06 -5.33 -4.30
CA ILE A 20 -4.64 -5.54 -4.55
C ILE A 20 -4.18 -6.83 -3.85
N ASN A 21 -4.61 -7.01 -2.60
CA ASN A 21 -4.25 -8.20 -1.85
C ASN A 21 -4.70 -9.46 -2.57
N SER A 22 -5.90 -9.40 -3.13
CA SER A 22 -6.48 -10.56 -3.81
C SER A 22 -5.67 -10.96 -5.04
N LEU A 23 -5.15 -9.95 -5.75
CA LEU A 23 -4.35 -10.18 -6.95
C LEU A 23 -2.92 -10.65 -6.61
N LEU A 24 -2.43 -10.27 -5.45
CA LEU A 24 -1.07 -10.56 -5.05
C LEU A 24 -0.89 -11.86 -4.34
N ILE A 25 -1.94 -12.31 -3.69
CA ILE A 25 -1.79 -13.36 -2.68
C ILE A 25 -1.10 -14.64 -3.23
N SER A 26 -1.40 -14.99 -4.48
CA SER A 26 -0.82 -16.18 -5.12
C SER A 26 0.68 -16.06 -5.39
N GLN A 27 1.18 -14.83 -5.36
CA GLN A 27 2.57 -14.51 -5.67
C GLN A 27 3.51 -14.79 -4.49
N ASN A 28 2.96 -14.86 -3.28
CA ASN A 28 3.74 -14.96 -2.05
C ASN A 28 4.93 -14.00 -2.01
N ALA A 29 4.65 -12.72 -2.27
CA ALA A 29 5.67 -11.67 -2.30
C ALA A 29 6.23 -11.38 -0.91
N ASP A 30 7.52 -11.05 -0.87
CA ASP A 30 8.18 -10.56 0.34
C ASP A 30 7.63 -9.16 0.68
N PRO A 31 7.81 -8.70 1.93
CA PRO A 31 7.27 -7.37 2.33
C PRO A 31 7.65 -6.20 1.44
N ALA A 32 8.89 -6.14 0.97
CA ALA A 32 9.31 -5.01 0.13
C ALA A 32 8.58 -5.02 -1.20
N SER A 33 8.58 -6.19 -1.85
CA SER A 33 7.86 -6.33 -3.12
C SER A 33 6.37 -6.07 -2.91
N ALA A 34 5.80 -6.63 -1.86
CA ALA A 34 4.38 -6.37 -1.57
C ALA A 34 4.10 -4.86 -1.53
N SER A 35 4.96 -4.10 -0.84
CA SER A 35 4.73 -2.64 -0.71
C SER A 35 4.81 -1.97 -2.08
N MET A 36 5.67 -2.50 -2.96
CA MET A 36 5.78 -1.96 -4.31
C MET A 36 4.48 -2.12 -5.09
N TYR A 37 3.82 -3.26 -4.92
CA TYR A 37 2.52 -3.47 -5.57
C TYR A 37 1.43 -2.64 -4.94
N PHE A 38 1.36 -2.62 -3.62
CA PHE A 38 0.33 -1.81 -2.96
C PHE A 38 0.45 -0.36 -3.36
N SER A 39 1.68 0.14 -3.46
N SER A 39 1.68 0.15 -3.41
CA SER A 39 1.86 1.57 -3.73
CA SER A 39 1.89 1.57 -3.72
C SER A 39 1.66 1.95 -5.19
C SER A 39 1.58 1.90 -5.17
N THR A 40 2.17 1.14 -6.10
CA THR A 40 1.95 1.43 -7.53
C THR A 40 0.52 1.14 -7.99
N PHE A 41 -0.06 0.00 -7.56
CA PHE A 41 -1.45 -0.28 -7.94
C PHE A 41 -2.41 0.71 -7.26
N GLY A 42 -2.15 1.04 -5.99
CA GLY A 42 -2.94 2.06 -5.29
C GLY A 42 -2.90 3.41 -6.00
N ALA A 43 -1.70 3.85 -6.35
CA ALA A 43 -1.53 5.09 -7.08
C ALA A 43 -2.28 5.07 -8.42
N PHE A 44 -2.22 3.93 -9.11
CA PHE A 44 -2.91 3.81 -10.40
C PHE A 44 -4.43 3.94 -10.21
N ILE A 45 -4.95 3.25 -9.21
CA ILE A 45 -6.36 3.32 -8.93
C ILE A 45 -6.77 4.76 -8.56
N LEU A 46 -5.94 5.44 -7.77
CA LEU A 46 -6.25 6.83 -7.42
C LEU A 46 -6.24 7.73 -8.66
N GLN A 47 -5.24 7.56 -9.52
CA GLN A 47 -5.18 8.32 -10.77
C GLN A 47 -6.43 8.10 -11.61
N GLN A 48 -6.82 6.84 -11.75
CA GLN A 48 -7.90 6.45 -12.68
C GLN A 48 -9.30 6.75 -12.16
N HIS A 49 -9.50 6.59 -10.85
CA HIS A 49 -10.83 6.76 -10.24
C HIS A 49 -11.08 8.07 -9.50
N TYR A 50 -10.01 8.71 -9.04
CA TYR A 50 -10.12 9.94 -8.23
C TYR A 50 -9.53 11.17 -8.92
N LYS A 51 -8.83 10.94 -10.03
CA LYS A 51 -8.32 12.02 -10.88
C LYS A 51 -7.39 12.93 -10.13
N VAL A 52 -6.58 12.33 -9.26
CA VAL A 52 -5.55 13.08 -8.57
C VAL A 52 -4.20 12.59 -9.03
N LYS A 53 -3.19 13.44 -8.92
CA LYS A 53 -1.84 12.97 -9.12
C LYS A 53 -1.55 12.14 -7.89
N ALA A 54 -1.11 10.92 -8.12
CA ALA A 54 -0.74 10.02 -7.04
C ALA A 54 0.59 9.44 -7.45
N VAL A 55 1.57 9.54 -6.56
CA VAL A 55 2.94 9.18 -6.89
C VAL A 55 3.41 8.13 -5.87
N PRO A 56 3.82 6.95 -6.36
CA PRO A 56 4.45 5.98 -5.45
C PRO A 56 5.85 6.46 -5.13
N LYS A 57 6.23 6.35 -3.86
CA LYS A 57 7.58 6.72 -3.41
C LYS A 57 8.08 5.62 -2.50
N GLY A 58 9.39 5.52 -2.34
CA GLY A 58 9.95 4.52 -1.45
C GLY A 58 11.20 5.02 -0.76
N GLY A 59 11.56 4.34 0.33
CA GLY A 59 12.80 4.60 1.04
C GLY A 59 12.64 4.06 2.44
N LEU A 60 12.92 4.91 3.41
CA LEU A 60 12.79 4.56 4.83
C LEU A 60 11.42 5.00 5.33
N ALA A 61 10.73 4.13 6.06
CA ALA A 61 9.41 4.47 6.61
C ALA A 61 9.29 3.94 8.02
N ALA A 62 8.63 4.71 8.89
CA ALA A 62 8.42 4.29 10.27
C ALA A 62 7.06 4.76 10.72
N TYR A 63 6.39 3.95 11.53
CA TYR A 63 5.05 4.26 12.00
C TYR A 63 4.94 3.95 13.48
N ASN A 64 4.23 4.79 14.24
CA ASN A 64 3.81 4.37 15.57
C ASN A 64 2.40 3.81 15.41
N LEU A 65 2.26 2.51 15.62
CA LEU A 65 0.95 1.88 15.49
C LEU A 65 0.49 1.41 16.87
N GLY A 66 -0.32 2.23 17.51
CA GLY A 66 -0.90 1.88 18.81
C GLY A 66 0.13 1.70 19.91
N GLY A 67 1.24 2.43 19.81
CA GLY A 67 2.28 2.39 20.84
C GLY A 67 3.52 1.60 20.47
N THR A 68 3.45 0.81 19.40
CA THR A 68 4.60 0.07 18.91
C THR A 68 5.09 0.72 17.63
N VAL A 69 6.40 0.90 17.52
CA VAL A 69 6.97 1.50 16.31
C VAL A 69 7.38 0.40 15.34
N LEU A 70 6.81 0.45 14.14
CA LEU A 70 7.19 -0.42 13.05
C LEU A 70 8.20 0.34 12.18
N LEU A 71 9.38 -0.25 11.98
CA LEU A 71 10.48 0.46 11.35
C LEU A 71 10.98 -0.26 10.10
N PHE A 72 10.70 0.32 8.94
CA PHE A 72 11.18 -0.21 7.68
C PHE A 72 12.52 0.42 7.37
N ALA A 73 13.55 -0.21 7.93
CA ALA A 73 14.93 0.28 7.80
C ALA A 73 15.88 -0.84 8.14
N ASP A 74 17.14 -0.67 7.76
CA ASP A 74 18.22 -1.55 8.23
C ASP A 74 18.95 -0.90 9.39
N HIS A 75 19.42 -1.73 10.32
CA HIS A 75 20.27 -1.21 11.40
C HIS A 75 21.72 -1.33 10.98
N ARG A 76 22.47 -0.27 11.20
CA ARG A 76 23.87 -0.23 10.81
C ARG A 76 24.63 0.78 11.65
N GLU A 77 25.78 0.36 12.19
CA GLU A 77 26.71 1.26 12.87
C GLU A 77 26.04 2.00 14.03
N TYR A 80 20.09 3.70 12.11
CA TYR A 80 19.27 3.09 11.07
C TYR A 80 19.42 3.77 9.71
N VAL A 81 19.35 2.96 8.66
CA VAL A 81 19.49 3.42 7.29
C VAL A 81 18.40 2.81 6.38
N THR A 82 18.28 3.31 5.17
CA THR A 82 17.33 2.77 4.20
C THR A 82 17.64 1.29 3.92
N GLY A 83 16.59 0.46 3.88
CA GLY A 83 16.76 -0.97 3.66
C GLY A 83 17.44 -1.32 2.35
N ALA A 84 18.46 -2.18 2.43
CA ALA A 84 19.15 -2.67 1.24
C ALA A 84 18.51 -3.94 0.70
N GLY A 85 17.57 -4.49 1.45
CA GLY A 85 16.86 -5.70 1.07
C GLY A 85 15.37 -5.57 1.36
N GLU A 86 14.85 -6.53 2.12
CA GLU A 86 13.41 -6.64 2.31
C GLU A 86 12.81 -5.61 3.26
N ASN A 87 13.66 -4.77 3.88
CA ASN A 87 13.17 -3.67 4.74
C ASN A 87 12.86 -2.37 4.00
N PHE A 88 13.18 -2.32 2.72
CA PHE A 88 12.76 -1.20 1.86
C PHE A 88 11.23 -1.14 1.85
N HIS A 89 10.68 0.07 1.86
CA HIS A 89 9.23 0.23 1.90
C HIS A 89 8.74 1.34 0.99
N CYS A 90 7.58 1.13 0.35
CA CYS A 90 6.97 2.13 -0.52
C CYS A 90 5.64 2.59 0.04
N TRP A 91 5.25 3.81 -0.32
CA TRP A 91 3.96 4.38 0.06
C TRP A 91 3.45 5.24 -1.11
N VAL A 92 2.30 5.89 -0.93
CA VAL A 92 1.75 6.77 -1.97
C VAL A 92 1.62 8.17 -1.41
N GLU A 93 1.96 9.16 -2.24
CA GLU A 93 1.71 10.56 -1.93
C GLU A 93 0.73 11.08 -2.97
N ALA A 94 -0.43 11.53 -2.51
CA ALA A 94 -1.47 11.94 -3.45
C ALA A 94 -2.24 13.12 -2.92
N ASP A 95 -2.22 14.23 -3.66
CA ASP A 95 -3.04 15.40 -3.30
C ASP A 95 -2.70 15.84 -1.86
N GLY A 96 -1.45 15.66 -1.47
CA GLY A 96 -0.97 16.02 -0.14
C GLY A 96 -1.07 14.90 0.90
N TRP A 97 -1.86 13.88 0.61
CA TRP A 97 -2.09 12.77 1.53
C TRP A 97 -0.98 11.72 1.44
N ALA A 98 -0.57 11.21 2.59
CA ALA A 98 0.25 9.99 2.67
C ALA A 98 -0.73 8.84 2.84
N ILE A 99 -0.66 7.89 1.91
CA ILE A 99 -1.51 6.72 1.98
C ILE A 99 -0.64 5.46 1.87
N ASP A 100 -0.81 4.55 2.82
CA ASP A 100 -0.09 3.29 2.74
C ASP A 100 -1.14 2.19 2.63
N PHE A 101 -1.39 1.75 1.40
CA PHE A 101 -2.42 0.73 1.19
C PHE A 101 -2.03 -0.65 1.75
N MET A 102 -0.76 -0.83 2.13
CA MET A 102 -0.31 -2.09 2.70
C MET A 102 -0.66 -2.20 4.18
N ALA A 103 -1.08 -1.08 4.80
CA ALA A 103 -1.18 -1.06 6.26
C ALA A 103 -2.00 -2.21 6.87
N PRO A 104 -3.14 -2.60 6.24
CA PRO A 104 -3.89 -3.73 6.82
C PRO A 104 -3.09 -5.05 6.88
N ALA A 105 -2.01 -5.16 6.12
CA ALA A 105 -1.17 -6.34 6.09
C ALA A 105 -0.02 -6.28 7.11
N PHE A 106 0.07 -5.19 7.87
CA PHE A 106 1.20 -5.01 8.80
C PHE A 106 1.19 -6.01 9.96
N SER A 107 0.09 -6.75 10.14
CA SER A 107 0.09 -7.80 11.17
C SER A 107 1.06 -8.94 10.84
N GLU A 108 1.29 -9.17 9.56
CA GLU A 108 2.17 -10.26 9.12
C GLU A 108 3.61 -9.83 9.33
N GLY A 109 4.39 -10.71 9.93
CA GLY A 109 5.81 -10.47 10.10
C GLY A 109 6.15 -9.64 11.32
N THR A 110 5.16 -9.31 12.15
CA THR A 110 5.43 -8.42 13.27
C THR A 110 5.32 -9.12 14.63
N ASP A 111 4.92 -10.39 14.59
CA ASP A 111 4.92 -11.31 15.75
C ASP A 111 4.55 -10.62 17.06
N ALA A 112 5.53 -10.43 17.95
CA ALA A 112 5.35 -9.84 19.28
C ALA A 112 4.66 -8.47 19.28
N LEU A 113 4.85 -7.69 18.22
CA LEU A 113 4.29 -6.35 18.12
C LEU A 113 2.76 -6.38 18.04
N ALA A 114 2.19 -7.48 17.57
CA ALA A 114 0.74 -7.68 17.53
C ALA A 114 0.08 -6.45 16.92
N VAL A 115 0.50 -6.12 15.71
CA VAL A 115 -0.03 -4.95 15.03
C VAL A 115 -1.41 -5.25 14.45
N PRO A 116 -2.42 -4.45 14.84
CA PRO A 116 -3.78 -4.52 14.29
C PRO A 116 -3.79 -4.11 12.82
N ALA A 117 -4.82 -4.54 12.10
CA ALA A 117 -5.02 -4.12 10.71
C ALA A 117 -5.93 -2.90 10.67
N LYS A 118 -5.38 -1.74 10.30
CA LYS A 118 -6.16 -0.51 10.19
C LYS A 118 -5.75 0.31 8.96
N MET A 119 -6.59 1.26 8.58
CA MET A 119 -6.24 2.17 7.49
C MET A 119 -5.10 3.12 7.87
N PHE A 120 -4.16 3.34 6.93
CA PHE A 120 -3.24 4.48 7.06
C PHE A 120 -3.45 5.48 5.93
N GLN A 121 -4.01 6.63 6.28
CA GLN A 121 -4.23 7.73 5.33
C GLN A 121 -4.19 9.01 6.18
N ARG A 122 -3.11 9.78 6.02
CA ARG A 122 -2.89 10.97 6.87
C ARG A 122 -2.24 12.08 6.03
N PRO A 123 -2.44 13.36 6.43
CA PRO A 123 -1.81 14.43 5.65
C PRO A 123 -0.29 14.34 5.72
N LEU A 124 0.39 14.54 4.60
CA LEU A 124 1.85 14.57 4.62
C LEU A 124 2.36 15.68 5.56
N SER A 125 1.58 16.76 5.64
CA SER A 125 1.90 17.90 6.51
C SER A 125 1.96 17.51 7.99
N ALA A 126 1.40 16.35 8.34
CA ALA A 126 1.42 15.82 9.70
C ALA A 126 2.65 14.95 10.01
N MET A 127 3.52 14.75 9.02
CA MET A 127 4.70 13.90 9.21
C MET A 127 5.58 14.33 10.37
N ALA A 128 6.04 13.34 11.13
CA ALA A 128 6.99 13.54 12.22
C ALA A 128 8.38 13.97 11.72
N ALA A 129 9.24 14.36 12.65
CA ALA A 129 10.55 14.90 12.28
C ALA A 129 11.61 13.85 12.00
N SER A 130 11.41 12.66 12.55
CA SER A 130 12.42 11.60 12.53
C SER A 130 11.84 10.35 13.14
N ILE A 131 12.64 9.28 13.16
CA ILE A 131 12.18 8.02 13.74
C ILE A 131 12.18 8.10 15.26
N ASN A 132 12.72 9.20 15.80
CA ASN A 132 12.73 9.46 17.24
C ASN A 132 11.61 10.38 17.71
N ASP A 133 10.74 10.78 16.77
CA ASP A 133 9.63 11.71 17.03
C ASP A 133 8.29 10.98 16.79
N LEU A 134 8.21 9.71 17.16
CA LEU A 134 7.01 8.91 16.90
C LEU A 134 6.30 8.56 18.20
N GLY A 135 5.96 9.60 18.95
CA GLY A 135 5.47 9.40 20.30
C GLY A 135 3.99 9.08 20.42
N GLN A 136 3.25 9.27 19.34
CA GLN A 136 1.80 9.13 19.35
C GLN A 136 1.33 8.15 18.29
N SER A 137 0.34 7.32 18.63
CA SER A 137 -0.23 6.38 17.66
C SER A 137 -0.69 7.15 16.42
N GLY A 138 -0.30 6.63 15.26
CA GLY A 138 -0.56 7.25 13.97
C GLY A 138 0.58 8.11 13.46
N ASP A 139 1.54 8.43 14.32
CA ASP A 139 2.73 9.16 13.88
C ASP A 139 3.48 8.37 12.80
N PHE A 140 4.10 9.11 11.88
CA PHE A 140 4.85 8.47 10.81
C PHE A 140 5.99 9.33 10.37
N PHE A 141 7.02 8.66 9.85
CA PHE A 141 8.15 9.37 9.28
C PHE A 141 8.59 8.66 8.01
N TYR A 142 8.78 9.45 6.96
CA TYR A 142 9.26 8.94 5.67
C TYR A 142 10.53 9.67 5.23
N ARG A 143 11.47 8.91 4.69
CA ARG A 143 12.56 9.51 3.91
C ARG A 143 12.58 8.86 2.55
N SER A 144 12.17 9.62 1.55
CA SER A 144 12.23 9.18 0.17
C SER A 144 13.68 8.96 -0.25
N GLU A 145 13.91 7.84 -0.92
CA GLU A 145 15.22 7.51 -1.51
C GLU A 145 15.01 7.28 -3.00
N PRO A 146 14.93 8.38 -3.78
CA PRO A 146 14.50 8.23 -5.17
C PRO A 146 15.43 7.35 -6.01
N GLU A 147 16.73 7.37 -5.72
CA GLU A 147 17.65 6.54 -6.50
C GLU A 147 17.39 5.05 -6.24
N ALA A 148 17.23 4.70 -4.97
CA ALA A 148 16.90 3.33 -4.59
C ALA A 148 15.55 2.89 -5.15
N THR A 149 14.56 3.78 -5.08
CA THR A 149 13.24 3.47 -5.62
C THR A 149 13.32 3.18 -7.11
N ALA A 150 14.03 4.03 -7.84
CA ALA A 150 14.16 3.84 -9.28
C ALA A 150 14.79 2.48 -9.59
N ARG A 151 15.86 2.15 -8.88
CA ARG A 151 16.53 0.87 -9.11
C ARG A 151 15.65 -0.32 -8.76
N ARG A 152 14.86 -0.22 -7.67
CA ARG A 152 13.99 -1.31 -7.27
C ARG A 152 12.97 -1.65 -8.35
N PHE A 153 12.51 -0.62 -9.04
CA PHE A 153 11.48 -0.75 -10.09
C PHE A 153 12.04 -0.94 -11.50
N ALA A 154 13.36 -0.99 -11.61
CA ALA A 154 14.02 -0.90 -12.92
C ALA A 154 13.56 -1.95 -13.94
N ASP A 155 13.20 -3.14 -13.47
CA ASP A 155 12.85 -4.24 -14.38
C ASP A 155 11.34 -4.42 -14.53
N TRP A 156 10.56 -3.60 -13.84
CA TRP A 156 9.10 -3.75 -13.85
C TRP A 156 8.45 -3.55 -15.23
N HIS A 157 8.97 -2.60 -16.01
CA HIS A 157 8.44 -2.32 -17.36
C HIS A 157 8.59 -3.51 -18.33
N LYS A 158 9.58 -4.38 -18.07
CA LYS A 158 9.84 -5.58 -18.88
C LYS A 158 8.90 -6.74 -18.56
N GLN A 159 8.07 -6.56 -17.54
CA GLN A 159 7.23 -7.66 -17.06
C GLN A 159 5.78 -7.32 -17.37
N ALA A 160 5.31 -7.81 -18.52
CA ALA A 160 3.97 -7.48 -19.02
C ALA A 160 2.85 -7.84 -18.04
N MET A 161 3.06 -8.91 -17.28
CA MET A 161 2.07 -9.39 -16.32
C MET A 161 1.70 -8.34 -15.26
N ILE A 162 2.69 -7.53 -14.86
CA ILE A 162 2.45 -6.49 -13.86
C ILE A 162 1.43 -5.45 -14.33
N GLY A 163 1.65 -4.91 -15.53
CA GLY A 163 0.69 -3.97 -16.13
C GLY A 163 -0.67 -4.61 -16.33
N ASP A 164 -0.68 -5.89 -16.70
CA ASP A 164 -1.94 -6.61 -16.85
C ASP A 164 -2.69 -6.66 -15.52
N MET A 165 -1.97 -6.95 -14.43
CA MET A 165 -2.60 -7.04 -13.12
C MET A 165 -3.11 -5.67 -12.68
N ALA A 166 -2.36 -4.60 -13.00
CA ALA A 166 -2.80 -3.24 -12.65
C ALA A 166 -4.11 -2.88 -13.34
N SER A 167 -4.20 -3.28 -14.61
CA SER A 167 -5.44 -3.08 -15.37
C SER A 167 -6.59 -3.79 -14.66
N VAL A 168 -6.37 -5.03 -14.26
CA VAL A 168 -7.42 -5.79 -13.56
C VAL A 168 -7.84 -5.06 -12.28
N ALA A 169 -6.84 -4.59 -11.53
CA ALA A 169 -7.09 -3.86 -10.28
C ALA A 169 -7.97 -2.64 -10.51
N ALA A 170 -7.62 -1.82 -11.50
CA ALA A 170 -8.39 -0.59 -11.76
C ALA A 170 -9.80 -0.92 -12.24
N ASN A 171 -9.95 -2.05 -12.90
CA ASN A 171 -11.27 -2.41 -13.42
C ASN A 171 -12.16 -3.15 -12.42
N TRP A 172 -11.54 -3.78 -11.42
CA TRP A 172 -12.24 -4.47 -10.33
C TRP A 172 -12.80 -3.45 -9.31
N PHE A 173 -11.94 -2.50 -8.92
CA PHE A 173 -12.33 -1.50 -7.94
C PHE A 173 -13.52 -0.66 -8.41
N ARG A 174 -14.49 -0.46 -7.52
CA ARG A 174 -15.61 0.48 -7.71
C ARG A 174 -15.78 1.21 -6.39
N LYS A 175 -16.14 2.49 -6.46
CA LYS A 175 -16.40 3.22 -5.22
C LYS A 175 -17.68 2.70 -4.56
N SER A 176 -17.67 2.65 -3.24
CA SER A 176 -18.87 2.27 -2.48
C SER A 176 -20.02 3.22 -2.82
N PRO A 177 -21.26 2.71 -2.87
CA PRO A 177 -21.74 1.37 -2.58
C PRO A 177 -21.85 0.44 -3.80
N LYS A 178 -21.21 0.78 -4.91
CA LYS A 178 -21.39 -0.04 -6.11
C LYS A 178 -20.67 -1.38 -6.05
N GLN A 179 -21.12 -2.41 -6.77
CA GLN A 179 -21.45 -3.67 -6.19
C GLN A 179 -20.24 -4.24 -7.00
N MET A 180 -19.21 -4.77 -6.32
CA MET A 180 -18.01 -5.32 -6.99
C MET A 180 -18.13 -6.82 -7.22
N ALA A 181 -17.49 -7.32 -8.28
CA ALA A 181 -17.45 -8.76 -8.51
C ALA A 181 -16.78 -9.50 -7.36
N ALA A 182 -17.40 -10.59 -6.91
CA ALA A 182 -16.85 -11.42 -5.85
C ALA A 182 -15.58 -12.15 -6.30
N SER A 183 -15.50 -12.40 -7.59
CA SER A 183 -14.32 -13.01 -8.19
C SER A 183 -14.24 -12.58 -9.64
N LEU A 184 -13.04 -12.66 -10.21
CA LEU A 184 -12.83 -12.31 -11.61
C LEU A 184 -12.12 -13.41 -12.35
N SER A 185 -12.45 -13.55 -13.62
CA SER A 185 -11.70 -14.40 -14.54
C SER A 185 -10.57 -13.57 -15.14
N VAL A 186 -9.33 -13.95 -14.83
CA VAL A 186 -8.14 -13.22 -15.29
C VAL A 186 -7.36 -14.09 -16.28
N THR A 187 -7.12 -13.55 -17.47
CA THR A 187 -6.40 -14.25 -18.54
C THR A 187 -4.93 -13.81 -18.58
N ASP A 188 -4.03 -14.78 -18.54
CA ASP A 188 -2.59 -14.49 -18.61
C ASP A 188 -2.13 -14.36 -20.05
N ARG A 189 -0.84 -14.08 -20.22
CA ARG A 189 -0.27 -13.83 -21.54
C ARG A 189 -0.22 -15.09 -22.41
N ASP A 190 -0.26 -16.26 -21.76
CA ASP A 190 -0.36 -17.54 -22.48
C ASP A 190 -1.77 -17.76 -23.06
N GLY A 191 -2.73 -16.94 -22.66
CA GLY A 191 -4.11 -17.07 -23.09
C GLY A 191 -4.96 -17.93 -22.16
N LYS A 192 -4.38 -18.35 -21.03
CA LYS A 192 -5.06 -19.18 -20.02
C LYS A 192 -5.74 -18.34 -18.93
N ALA A 193 -6.98 -18.69 -18.60
CA ALA A 193 -7.71 -17.94 -17.57
C ALA A 193 -7.70 -18.63 -16.19
N ARG A 194 -7.65 -17.80 -15.14
CA ARG A 194 -7.75 -18.27 -13.77
C ARG A 194 -8.82 -17.43 -13.03
N THR A 195 -9.49 -18.03 -12.04
CA THR A 195 -10.45 -17.29 -11.22
C THR A 195 -9.72 -16.72 -10.00
N VAL A 196 -9.88 -15.42 -9.78
CA VAL A 196 -9.27 -14.77 -8.63
C VAL A 196 -10.39 -14.25 -7.71
N PRO A 197 -10.54 -14.83 -6.50
CA PRO A 197 -11.57 -14.35 -5.60
C PRO A 197 -11.09 -13.20 -4.73
N LEU A 198 -12.02 -12.36 -4.28
CA LEU A 198 -11.65 -11.37 -3.26
C LEU A 198 -11.29 -12.10 -1.97
N THR A 199 -10.20 -11.69 -1.33
CA THR A 199 -9.83 -12.25 -0.03
C THR A 199 -10.87 -11.82 1.04
N GLY A 200 -10.87 -12.48 2.19
CA GLY A 200 -12.02 -12.41 3.10
C GLY A 200 -11.87 -11.89 4.52
N GLU A 201 -10.86 -11.06 4.77
CA GLU A 201 -10.67 -10.49 6.12
C GLU A 201 -11.71 -9.40 6.39
N MET A 202 -12.18 -9.32 7.63
CA MET A 202 -13.01 -8.22 8.09
C MET A 202 -12.08 -7.09 8.46
N LEU A 203 -12.37 -5.89 7.96
CA LEU A 203 -11.44 -4.75 8.07
C LEU A 203 -12.12 -3.52 8.66
N THR A 204 -11.57 -3.03 9.77
CA THR A 204 -12.10 -1.87 10.47
C THR A 204 -10.95 -1.04 11.07
N GLY A 205 -11.21 0.25 11.28
CA GLY A 205 -10.28 1.09 12.03
C GLY A 205 -9.35 1.94 11.18
N ALA A 206 -8.86 3.01 11.78
CA ALA A 206 -7.91 3.91 11.13
C ALA A 206 -6.84 4.38 12.11
N TRP A 207 -5.59 4.40 11.64
CA TRP A 207 -4.48 4.95 12.42
C TRP A 207 -4.51 6.46 12.46
#